data_1NXR
#
_entry.id   1NXR
#
_cell.length_a   1.000
_cell.length_b   1.000
_cell.length_c   1.000
_cell.angle_alpha   90.00
_cell.angle_beta   90.00
_cell.angle_gamma   90.00
#
_symmetry.space_group_name_H-M   'P 1'
#
loop_
_entity.id
_entity.type
_entity.pdbx_description
1 polymer "DNA (5'-D(*CP*AP*GP*TP*CP*CP*TP*C)-3')"
2 polymer "RNA (5'-R(*GP*AP*GP*GP*AP*CP*UP*G)-3')"
#
loop_
_entity_poly.entity_id
_entity_poly.type
_entity_poly.pdbx_seq_one_letter_code
_entity_poly.pdbx_strand_id
1 'polydeoxyribonucleotide' (DC)(DA)(DG)(DT)(DC)(DC)(DT)(DC) A
2 'polyribonucleotide' GAGGACUG B
#
loop_
_chem_comp.id
_chem_comp.type
_chem_comp.name
_chem_comp.formula
A RNA linking ADENOSINE-5'-MONOPHOSPHATE 'C10 H14 N5 O7 P'
C RNA linking CYTIDINE-5'-MONOPHOSPHATE 'C9 H14 N3 O8 P'
DA DNA linking 2'-DEOXYADENOSINE-5'-MONOPHOSPHATE 'C10 H14 N5 O6 P'
DC DNA linking 2'-DEOXYCYTIDINE-5'-MONOPHOSPHATE 'C9 H14 N3 O7 P'
DG DNA linking 2'-DEOXYGUANOSINE-5'-MONOPHOSPHATE 'C10 H14 N5 O7 P'
DT DNA linking THYMIDINE-5'-MONOPHOSPHATE 'C10 H15 N2 O8 P'
G RNA linking GUANOSINE-5'-MONOPHOSPHATE 'C10 H14 N5 O8 P'
U RNA linking URIDINE-5'-MONOPHOSPHATE 'C9 H13 N2 O9 P'
#